data_5OH6
#
_entry.id   5OH6
#
_cell.length_a   40.100
_cell.length_b   58.050
_cell.length_c   94.420
_cell.angle_alpha   90.000
_cell.angle_beta   98.280
_cell.angle_gamma   90.000
#
_symmetry.space_group_name_H-M   'P 1 21 1'
#
loop_
_entity.id
_entity.type
_entity.pdbx_description
1 polymer Interaptin
2 water water
#
_entity_poly.entity_id   1
_entity_poly.type   'polypeptide(L)'
_entity_poly.pdbx_seq_one_letter_code
;GPSAKNKEFFDALEEIAESAKNDETLRNELAKVLDDILKTDPSDPEAFRKIVAEHQEFWDEHDPSLMEFNEGRFFGKSRK
QYLKSDDFLNSTDPTYNFQKLHQFAAEQRVKLGLEKSDTDTLVAILKNNPEECRAYIESKKPGLGNFSEGNVHGGSGGVL
SDEAIKRIKEQARDLLLLKLINSSGNTQLLKDLRDAMSKPEAERAANALGFPTEGNGVLFLSREVVDALEERVEKLA
;
_entity_poly.pdbx_strand_id   A,B
#
# COMPACT_ATOMS: atom_id res chain seq x y z
N PRO A 2 -24.78 7.33 31.22
CA PRO A 2 -23.89 6.53 30.36
C PRO A 2 -23.84 7.05 28.93
N SER A 3 -24.19 6.19 27.97
CA SER A 3 -24.14 6.56 26.57
C SER A 3 -24.98 5.59 25.76
N ALA A 4 -25.49 6.07 24.62
CA ALA A 4 -26.24 5.22 23.71
C ALA A 4 -25.28 4.22 23.05
N LYS A 5 -25.86 3.11 22.59
CA LYS A 5 -25.08 1.96 22.11
C LYS A 5 -24.89 1.97 20.59
N ASN A 6 -25.16 3.09 19.92
CA ASN A 6 -25.11 3.10 18.46
C ASN A 6 -23.75 2.68 17.94
N LYS A 7 -22.68 3.32 18.43
CA LYS A 7 -21.34 3.00 17.93
C LYS A 7 -20.91 1.59 18.32
N GLU A 8 -21.31 1.15 19.52
CA GLU A 8 -20.95 -0.20 19.95
C GLU A 8 -21.58 -1.25 19.04
N PHE A 9 -22.83 -1.04 18.62
CA PHE A 9 -23.43 -1.93 17.62
C PHE A 9 -22.72 -1.82 16.28
N PHE A 10 -22.30 -0.61 15.92
CA PHE A 10 -21.51 -0.42 14.70
C PHE A 10 -20.22 -1.23 14.77
N ASP A 11 -19.52 -1.18 15.92
CA ASP A 11 -18.27 -1.91 16.06
C ASP A 11 -18.53 -3.42 16.18
N ALA A 12 -19.59 -3.81 16.89
CA ALA A 12 -19.92 -5.23 17.00
C ALA A 12 -20.23 -5.82 15.64
N LEU A 13 -20.91 -5.06 14.77
CA LEU A 13 -21.18 -5.54 13.42
C LEU A 13 -19.88 -5.80 12.66
N GLU A 14 -18.91 -4.88 12.79
CA GLU A 14 -17.62 -5.06 12.12
C GLU A 14 -16.88 -6.27 12.68
N GLU A 15 -16.90 -6.45 14.00
CA GLU A 15 -16.14 -7.52 14.63
C GLU A 15 -16.75 -8.88 14.33
N ILE A 16 -18.08 -9.00 14.36
CA ILE A 16 -18.72 -10.28 14.07
C ILE A 16 -18.50 -10.67 12.61
N ALA A 17 -18.54 -9.69 11.71
CA ALA A 17 -18.32 -10.00 10.30
C ALA A 17 -16.89 -10.48 10.06
N GLU A 18 -15.91 -9.84 10.70
CA GLU A 18 -14.53 -10.29 10.59
C GLU A 18 -14.38 -11.73 11.08
N SER A 19 -15.12 -12.10 12.12
CA SER A 19 -15.07 -13.45 12.63
C SER A 19 -15.85 -14.43 11.76
N ALA A 20 -16.86 -13.94 11.04
CA ALA A 20 -17.67 -14.80 10.18
C ALA A 20 -16.91 -15.32 8.97
N LYS A 21 -15.73 -14.77 8.68
CA LYS A 21 -14.94 -15.26 7.55
C LYS A 21 -14.47 -16.70 7.76
N ASN A 22 -14.52 -17.21 8.99
CA ASN A 22 -14.01 -18.54 9.30
C ASN A 22 -15.00 -19.41 10.05
N ASP A 23 -16.22 -18.92 10.31
CA ASP A 23 -17.26 -19.70 10.97
C ASP A 23 -18.50 -19.63 10.09
N GLU A 24 -18.66 -20.63 9.23
CA GLU A 24 -19.78 -20.63 8.29
C GLU A 24 -21.12 -20.63 9.01
N THR A 25 -21.20 -21.29 10.17
CA THR A 25 -22.44 -21.29 10.93
C THR A 25 -22.70 -19.93 11.56
N LEU A 26 -21.65 -19.20 11.94
CA LEU A 26 -21.82 -17.83 12.43
C LEU A 26 -22.19 -16.88 11.29
N ARG A 27 -21.65 -17.11 10.10
CA ARG A 27 -21.99 -16.28 8.95
C ARG A 27 -23.47 -16.36 8.64
N ASN A 28 -24.04 -17.57 8.67
CA ASN A 28 -25.47 -17.71 8.41
C ASN A 28 -26.31 -17.09 9.52
N GLU A 29 -25.84 -17.13 10.77
CA GLU A 29 -26.49 -16.38 11.83
C GLU A 29 -26.45 -14.88 11.51
N LEU A 30 -25.25 -14.37 11.22
CA LEU A 30 -25.09 -12.93 10.98
C LEU A 30 -25.90 -12.48 9.77
N ALA A 31 -25.95 -13.30 8.71
CA ALA A 31 -26.72 -12.94 7.53
C ALA A 31 -28.19 -12.70 7.88
N LYS A 32 -28.76 -13.56 8.73
CA LYS A 32 -30.15 -13.38 9.12
C LYS A 32 -30.36 -12.08 9.88
N VAL A 33 -29.42 -11.74 10.77
CA VAL A 33 -29.54 -10.49 11.53
C VAL A 33 -29.43 -9.30 10.58
N LEU A 34 -28.45 -9.34 9.66
CA LEU A 34 -28.31 -8.25 8.70
C LEU A 34 -29.51 -8.17 7.78
N ASP A 35 -30.13 -9.31 7.45
CA ASP A 35 -31.32 -9.29 6.62
C ASP A 35 -32.49 -8.63 7.35
N ASP A 36 -32.61 -8.86 8.65
CA ASP A 36 -33.69 -8.26 9.42
C ASP A 36 -33.52 -6.75 9.52
N ILE A 37 -32.31 -6.29 9.83
CA ILE A 37 -32.05 -4.86 9.91
C ILE A 37 -32.30 -4.21 8.56
N LEU A 38 -31.95 -4.91 7.47
CA LEU A 38 -32.04 -4.32 6.14
C LEU A 38 -33.48 -4.08 5.71
N LYS A 39 -34.41 -4.95 6.11
CA LYS A 39 -35.81 -4.81 5.73
C LYS A 39 -36.61 -3.93 6.69
N THR A 40 -36.00 -3.47 7.77
CA THR A 40 -36.68 -2.54 8.68
C THR A 40 -36.43 -1.12 8.22
N ASP A 41 -37.48 -0.31 8.22
CA ASP A 41 -37.35 1.08 7.81
C ASP A 41 -36.62 1.87 8.90
N PRO A 42 -35.46 2.46 8.60
CA PRO A 42 -34.77 3.28 9.61
C PRO A 42 -35.55 4.54 9.98
N SER A 43 -36.47 4.99 9.15
CA SER A 43 -37.30 6.15 9.47
C SER A 43 -38.34 5.84 10.54
N ASP A 44 -38.56 4.57 10.85
CA ASP A 44 -39.40 4.18 11.97
C ASP A 44 -38.50 3.80 13.14
N PRO A 45 -38.18 4.74 14.03
CA PRO A 45 -37.24 4.43 15.12
C PRO A 45 -37.74 3.37 16.07
N GLU A 46 -39.05 3.31 16.32
CA GLU A 46 -39.58 2.29 17.21
C GLU A 46 -39.40 0.90 16.64
N ALA A 47 -39.65 0.73 15.34
CA ALA A 47 -39.42 -0.56 14.71
C ALA A 47 -37.93 -0.87 14.61
N PHE A 48 -37.09 0.16 14.46
CA PHE A 48 -35.66 -0.10 14.31
C PHE A 48 -35.04 -0.55 15.62
N ARG A 49 -35.37 0.13 16.72
CA ARG A 49 -34.89 -0.32 18.03
C ARG A 49 -35.39 -1.73 18.34
N LYS A 50 -36.64 -2.03 17.97
CA LYS A 50 -37.21 -3.32 18.31
C LYS A 50 -36.50 -4.47 17.59
N ILE A 51 -36.20 -4.28 16.30
CA ILE A 51 -35.59 -5.38 15.53
C ILE A 51 -34.17 -5.64 16.01
N VAL A 52 -33.48 -4.61 16.51
CA VAL A 52 -32.16 -4.83 17.10
C VAL A 52 -32.29 -5.54 18.44
N ALA A 53 -33.20 -5.06 19.30
CA ALA A 53 -33.40 -5.71 20.60
C ALA A 53 -33.92 -7.13 20.43
N GLU A 54 -34.62 -7.41 19.33
CA GLU A 54 -35.13 -8.75 19.08
C GLU A 54 -34.02 -9.79 18.96
N HIS A 55 -32.80 -9.37 18.62
CA HIS A 55 -31.68 -10.28 18.45
C HIS A 55 -30.72 -10.24 19.64
N GLN A 56 -31.25 -10.00 20.84
CA GLN A 56 -30.39 -10.00 22.02
C GLN A 56 -29.63 -11.31 22.16
N GLU A 57 -30.29 -12.43 21.87
CA GLU A 57 -29.62 -13.73 21.93
C GLU A 57 -28.40 -13.76 21.02
N PHE A 58 -28.45 -13.07 19.89
CA PHE A 58 -27.29 -12.95 19.02
C PHE A 58 -26.25 -11.99 19.60
N TRP A 59 -26.70 -10.82 20.06
CA TRP A 59 -25.76 -9.83 20.61
C TRP A 59 -25.06 -10.36 21.85
N ASP A 60 -25.78 -11.13 22.69
CA ASP A 60 -25.18 -11.61 23.93
C ASP A 60 -24.08 -12.63 23.67
N GLU A 61 -24.18 -13.38 22.57
CA GLU A 61 -23.15 -14.37 22.27
C GLU A 61 -21.84 -13.73 21.83
N HIS A 62 -21.86 -12.48 21.38
CA HIS A 62 -20.65 -11.77 21.01
C HIS A 62 -20.26 -10.67 22.00
N ASP A 63 -21.23 -9.92 22.51
CA ASP A 63 -20.95 -8.83 23.46
C ASP A 63 -22.19 -8.64 24.32
N PRO A 64 -22.20 -9.19 25.54
CA PRO A 64 -23.37 -9.02 26.41
C PRO A 64 -23.57 -7.60 26.90
N SER A 65 -22.61 -6.70 26.69
CA SER A 65 -22.78 -5.31 27.10
C SER A 65 -23.68 -4.52 26.15
N LEU A 66 -23.87 -5.01 24.93
CA LEU A 66 -24.72 -4.30 23.97
C LEU A 66 -26.16 -4.22 24.48
N MET A 67 -26.67 -5.28 25.09
CA MET A 67 -28.05 -5.36 25.53
C MET A 67 -28.22 -5.16 27.03
N GLU A 68 -27.15 -4.85 27.75
CA GLU A 68 -27.23 -4.74 29.21
C GLU A 68 -27.86 -3.41 29.63
N PHE A 69 -28.54 -3.44 30.76
CA PHE A 69 -29.13 -2.24 31.35
C PHE A 69 -29.47 -2.56 32.79
N ASN A 70 -28.61 -2.14 33.70
CA ASN A 70 -28.84 -2.36 35.11
C ASN A 70 -29.95 -1.43 35.59
N GLU A 71 -31.18 -1.96 35.60
CA GLU A 71 -32.34 -1.17 36.00
C GLU A 71 -32.32 -0.87 37.50
N GLY A 72 -32.72 0.34 37.85
CA GLY A 72 -32.78 0.78 39.23
C GLY A 72 -33.11 2.25 39.36
N GLY A 76 -34.78 5.87 37.80
CA GLY A 76 -34.49 5.51 36.43
C GLY A 76 -35.66 4.87 35.71
N LYS A 77 -35.42 4.43 34.48
CA LYS A 77 -36.45 3.78 33.68
C LYS A 77 -36.39 2.27 33.87
N SER A 78 -37.45 1.60 33.42
CA SER A 78 -37.43 0.15 33.34
C SER A 78 -36.66 -0.30 32.10
N ARG A 79 -36.43 -1.62 32.00
CA ARG A 79 -35.74 -2.14 30.83
C ARG A 79 -36.58 -1.95 29.57
N LYS A 80 -37.89 -2.19 29.67
CA LYS A 80 -38.77 -2.00 28.52
C LYS A 80 -38.73 -0.56 28.02
N GLN A 81 -38.82 0.41 28.94
CA GLN A 81 -38.73 1.81 28.55
C GLN A 81 -37.36 2.14 27.98
N TYR A 82 -36.30 1.58 28.58
CA TYR A 82 -34.96 1.82 28.08
C TYR A 82 -34.82 1.36 26.64
N LEU A 83 -35.28 0.14 26.34
CA LEU A 83 -35.12 -0.43 25.00
C LEU A 83 -35.91 0.34 23.94
N LYS A 84 -36.87 1.17 24.34
CA LYS A 84 -37.65 1.97 23.41
C LYS A 84 -37.23 3.44 23.41
N SER A 85 -36.10 3.76 24.02
CA SER A 85 -35.64 5.13 24.19
C SER A 85 -34.37 5.39 23.40
N ASP A 86 -34.03 6.68 23.29
CA ASP A 86 -32.74 7.10 22.75
C ASP A 86 -31.57 6.76 23.68
N ASP A 87 -31.85 6.36 24.92
CA ASP A 87 -30.76 5.94 25.82
C ASP A 87 -30.16 4.62 25.38
N PHE A 88 -30.96 3.77 24.73
CA PHE A 88 -30.48 2.51 24.15
C PHE A 88 -29.91 2.73 22.75
N LEU A 89 -30.76 3.16 21.81
CA LEU A 89 -30.34 3.49 20.46
C LEU A 89 -30.84 4.89 20.14
N ASN A 90 -29.92 5.84 20.05
CA ASN A 90 -30.26 7.25 19.83
C ASN A 90 -30.58 7.45 18.35
N SER A 91 -31.85 7.75 18.06
CA SER A 91 -32.25 8.01 16.68
C SER A 91 -31.67 9.32 16.14
N THR A 92 -31.17 10.20 17.01
CA THR A 92 -30.58 11.46 16.61
C THR A 92 -29.07 11.47 16.78
N ASP A 93 -28.43 10.31 16.65
CA ASP A 93 -26.99 10.23 16.80
C ASP A 93 -26.31 11.01 15.70
N PRO A 94 -25.38 11.92 16.02
CA PRO A 94 -24.76 12.74 14.97
C PRO A 94 -23.96 11.93 13.96
N THR A 95 -23.45 10.77 14.35
CA THR A 95 -22.59 9.97 13.48
C THR A 95 -23.18 8.62 13.15
N TYR A 96 -23.77 7.93 14.12
CA TYR A 96 -24.27 6.58 13.91
C TYR A 96 -25.79 6.50 14.09
N ASN A 97 -26.53 7.37 13.41
CA ASN A 97 -27.98 7.31 13.52
C ASN A 97 -28.50 6.06 12.82
N PHE A 98 -29.83 5.90 12.83
CA PHE A 98 -30.41 4.65 12.32
C PHE A 98 -30.20 4.50 10.82
N GLN A 99 -30.15 5.61 10.09
CA GLN A 99 -29.84 5.53 8.67
C GLN A 99 -28.44 5.00 8.45
N LYS A 100 -27.46 5.55 9.18
CA LYS A 100 -26.07 5.11 9.05
C LYS A 100 -25.92 3.65 9.45
N LEU A 101 -26.62 3.21 10.51
CA LEU A 101 -26.55 1.80 10.89
C LEU A 101 -27.28 0.92 9.88
N HIS A 102 -28.32 1.46 9.23
CA HIS A 102 -29.00 0.71 8.18
C HIS A 102 -28.12 0.56 6.95
N GLN A 103 -27.40 1.62 6.58
CA GLN A 103 -26.49 1.54 5.45
C GLN A 103 -25.30 0.64 5.74
N PHE A 104 -24.81 0.67 6.98
CA PHE A 104 -23.70 -0.22 7.34
C PHE A 104 -24.13 -1.68 7.34
N ALA A 105 -25.37 -1.95 7.77
CA ALA A 105 -25.88 -3.31 7.73
C ALA A 105 -25.92 -3.85 6.30
N ALA A 106 -26.31 -3.00 5.35
CA ALA A 106 -26.36 -3.45 3.96
C ALA A 106 -24.97 -3.64 3.38
N GLU A 107 -24.07 -2.72 3.68
CA GLU A 107 -22.68 -2.86 3.23
C GLU A 107 -22.04 -4.13 3.79
N GLN A 108 -22.32 -4.44 5.06
CA GLN A 108 -21.83 -5.69 5.63
C GLN A 108 -22.49 -6.90 5.00
N ARG A 109 -23.77 -6.79 4.65
CA ARG A 109 -24.45 -7.92 4.03
C ARG A 109 -23.86 -8.24 2.66
N VAL A 110 -23.43 -7.22 1.92
CA VAL A 110 -22.78 -7.46 0.63
C VAL A 110 -21.42 -8.08 0.84
N LYS A 111 -20.60 -7.48 1.71
CA LYS A 111 -19.29 -8.04 2.02
C LYS A 111 -19.40 -9.49 2.48
N LEU A 112 -20.48 -9.81 3.21
CA LEU A 112 -20.71 -11.17 3.64
C LEU A 112 -20.94 -12.10 2.46
N GLY A 113 -21.72 -11.63 1.47
CA GLY A 113 -21.97 -12.45 0.29
C GLY A 113 -20.76 -12.56 -0.63
N LEU A 114 -19.86 -11.57 -0.59
CA LEU A 114 -18.67 -11.62 -1.43
C LEU A 114 -17.70 -12.70 -0.97
N GLU A 115 -17.77 -13.12 0.30
CA GLU A 115 -16.85 -14.13 0.81
C GLU A 115 -17.05 -15.49 0.15
N LYS A 116 -18.20 -15.71 -0.51
CA LYS A 116 -18.47 -16.94 -1.22
C LYS A 116 -18.59 -16.74 -2.73
N SER A 117 -18.27 -15.54 -3.24
CA SER A 117 -18.43 -15.27 -4.65
C SER A 117 -17.27 -15.87 -5.46
N ASP A 118 -17.56 -16.19 -6.72
CA ASP A 118 -16.53 -16.70 -7.61
C ASP A 118 -15.68 -15.55 -8.13
N THR A 119 -14.70 -15.88 -8.98
CA THR A 119 -13.74 -14.88 -9.41
C THR A 119 -14.41 -13.82 -10.30
N ASP A 120 -15.34 -14.23 -11.15
CA ASP A 120 -15.99 -13.30 -12.06
C ASP A 120 -16.79 -12.24 -11.31
N THR A 121 -17.48 -12.64 -10.23
CA THR A 121 -18.24 -11.68 -9.44
C THR A 121 -17.32 -10.64 -8.81
N LEU A 122 -16.14 -11.07 -8.34
CA LEU A 122 -15.21 -10.15 -7.70
C LEU A 122 -14.66 -9.16 -8.71
N VAL A 123 -14.40 -9.60 -9.94
CA VAL A 123 -13.86 -8.74 -10.98
C VAL A 123 -14.91 -7.70 -11.41
N ALA A 124 -16.15 -8.14 -11.60
CA ALA A 124 -17.21 -7.19 -11.97
C ALA A 124 -17.39 -6.13 -10.90
N ILE A 125 -17.27 -6.49 -9.62
CA ILE A 125 -17.36 -5.48 -8.56
C ILE A 125 -16.26 -4.44 -8.72
N LEU A 126 -15.04 -4.89 -9.02
CA LEU A 126 -13.91 -3.97 -9.13
C LEU A 126 -13.95 -3.17 -10.43
N LYS A 127 -14.51 -3.74 -11.50
CA LYS A 127 -14.59 -3.02 -12.77
C LYS A 127 -15.70 -1.99 -12.77
N ASN A 128 -16.84 -2.31 -12.15
CA ASN A 128 -18.01 -1.45 -12.23
C ASN A 128 -17.82 -0.18 -11.42
N ASN A 129 -18.35 0.93 -11.93
CA ASN A 129 -18.39 2.17 -11.16
C ASN A 129 -19.48 2.06 -10.10
N PRO A 130 -19.53 3.01 -9.14
CA PRO A 130 -20.57 2.91 -8.09
C PRO A 130 -21.98 2.70 -8.61
N GLU A 131 -22.36 3.38 -9.69
CA GLU A 131 -23.71 3.26 -10.22
C GLU A 131 -23.95 1.86 -10.80
N GLU A 132 -22.98 1.33 -11.54
CA GLU A 132 -23.10 -0.02 -12.06
C GLU A 132 -23.11 -1.04 -10.93
N CYS A 133 -22.33 -0.79 -9.87
CA CYS A 133 -22.29 -1.72 -8.74
C CYS A 133 -23.67 -1.89 -8.12
N ARG A 134 -24.40 -0.79 -7.92
CA ARG A 134 -25.73 -0.87 -7.34
C ARG A 134 -26.66 -1.70 -8.22
N ALA A 135 -26.66 -1.40 -9.52
CA ALA A 135 -27.50 -2.18 -10.44
C ALA A 135 -27.04 -3.63 -10.51
N TYR A 136 -25.72 -3.85 -10.47
CA TYR A 136 -25.19 -5.21 -10.46
C TYR A 136 -25.59 -5.94 -9.17
N ILE A 137 -25.46 -5.26 -8.02
CA ILE A 137 -25.92 -5.86 -6.77
C ILE A 137 -27.44 -6.02 -6.78
N GLU A 138 -28.15 -5.12 -7.46
CA GLU A 138 -29.57 -5.29 -7.71
C GLU A 138 -29.86 -6.26 -8.86
N SER A 139 -28.90 -7.11 -9.21
CA SER A 139 -29.10 -8.14 -10.23
C SER A 139 -28.64 -9.51 -9.77
N LYS A 140 -28.12 -9.64 -8.56
CA LYS A 140 -27.61 -10.89 -8.02
C LYS A 140 -28.44 -11.35 -6.82
N LYS A 141 -29.70 -10.96 -6.78
CA LYS A 141 -30.58 -11.25 -5.65
C LYS A 141 -30.88 -12.74 -5.53
N PRO A 142 -30.82 -13.28 -4.31
CA PRO A 142 -30.37 -12.60 -3.10
C PRO A 142 -28.98 -13.01 -2.64
N GLY A 143 -28.07 -13.26 -3.58
CA GLY A 143 -26.73 -13.69 -3.27
C GLY A 143 -25.99 -12.73 -2.37
N LEU A 144 -25.83 -11.49 -2.83
CA LEU A 144 -25.20 -10.44 -2.06
C LEU A 144 -26.21 -9.65 -1.22
N GLY A 145 -27.45 -10.12 -1.13
CA GLY A 145 -28.46 -9.46 -0.33
C GLY A 145 -29.71 -9.13 -1.10
N ASN A 146 -30.84 -8.98 -0.39
CA ASN A 146 -32.11 -8.62 -1.02
C ASN A 146 -32.16 -7.11 -1.13
N PHE A 147 -31.71 -6.58 -2.26
CA PHE A 147 -31.76 -5.16 -2.55
C PHE A 147 -32.82 -4.82 -3.58
N SER A 148 -33.92 -5.58 -3.56
CA SER A 148 -35.09 -5.27 -4.37
C SER A 148 -35.85 -4.11 -3.72
N GLU A 149 -36.99 -3.75 -4.32
CA GLU A 149 -37.80 -2.66 -3.81
C GLU A 149 -38.83 -3.11 -2.77
N GLY A 150 -39.13 -4.41 -2.70
CA GLY A 150 -40.07 -4.88 -1.71
C GLY A 150 -39.57 -4.67 -0.29
N ASN A 151 -38.27 -4.90 -0.06
CA ASN A 151 -37.68 -4.75 1.26
C ASN A 151 -37.09 -3.36 1.49
N VAL A 152 -36.55 -2.73 0.45
CA VAL A 152 -35.98 -1.39 0.56
C VAL A 152 -36.92 -0.41 -0.14
N HIS A 153 -37.18 0.72 0.52
CA HIS A 153 -38.40 1.53 0.35
C HIS A 153 -38.68 2.45 -0.86
N GLY A 154 -37.69 3.05 -1.53
CA GLY A 154 -36.28 2.74 -1.40
C GLY A 154 -35.78 2.05 -2.65
N GLY A 155 -35.19 0.86 -2.48
CA GLY A 155 -34.47 0.23 -3.56
C GLY A 155 -33.01 0.64 -3.48
N SER A 156 -32.10 -0.31 -3.61
CA SER A 156 -30.73 0.00 -3.24
C SER A 156 -29.62 -0.55 -4.12
N GLY A 157 -28.96 0.34 -4.86
CA GLY A 157 -29.31 1.74 -4.92
C GLY A 157 -28.97 2.66 -3.74
N GLY A 158 -30.02 3.04 -3.01
CA GLY A 158 -29.92 4.03 -1.95
C GLY A 158 -28.99 3.71 -0.79
N VAL A 159 -29.23 2.59 -0.09
CA VAL A 159 -28.53 2.35 1.17
C VAL A 159 -27.05 2.16 0.97
N LEU A 160 -26.62 1.82 -0.25
CA LEU A 160 -25.22 1.65 -0.57
C LEU A 160 -24.67 3.00 -1.00
N SER A 161 -24.07 3.74 -0.06
CA SER A 161 -23.44 5.00 -0.36
C SER A 161 -22.22 4.79 -1.25
N ASP A 162 -21.73 5.89 -1.83
CA ASP A 162 -20.50 5.82 -2.61
C ASP A 162 -19.33 5.35 -1.75
N GLU A 163 -19.25 5.84 -0.51
CA GLU A 163 -18.21 5.38 0.41
C GLU A 163 -18.42 3.92 0.79
N ALA A 164 -19.68 3.48 0.87
CA ALA A 164 -19.94 2.06 1.10
C ALA A 164 -19.49 1.22 -0.10
N ILE A 165 -19.75 1.69 -1.32
CA ILE A 165 -19.31 0.97 -2.51
C ILE A 165 -17.79 0.84 -2.52
N LYS A 166 -17.09 1.89 -2.09
CA LYS A 166 -15.63 1.84 -2.05
C LYS A 166 -15.14 0.79 -1.05
N ARG A 167 -15.81 0.68 0.10
CA ARG A 167 -15.41 -0.34 1.08
C ARG A 167 -15.77 -1.74 0.61
N ILE A 168 -16.83 -1.87 -0.18
CA ILE A 168 -17.17 -3.15 -0.80
C ILE A 168 -16.09 -3.56 -1.80
N LYS A 169 -15.59 -2.59 -2.57
CA LYS A 169 -14.52 -2.87 -3.52
C LYS A 169 -13.22 -3.24 -2.81
N GLU A 170 -12.94 -2.58 -1.68
CA GLU A 170 -11.75 -2.92 -0.91
C GLU A 170 -11.80 -4.37 -0.44
N GLN A 171 -12.99 -4.84 -0.07
CA GLN A 171 -13.15 -6.24 0.33
C GLN A 171 -12.99 -7.18 -0.86
N ALA A 172 -13.60 -6.84 -2.00
CA ALA A 172 -13.47 -7.68 -3.19
C ALA A 172 -12.02 -7.67 -3.69
N ARG A 173 -11.29 -6.58 -3.48
CA ARG A 173 -9.87 -6.55 -3.82
C ARG A 173 -9.09 -7.58 -3.02
N ASP A 174 -9.32 -7.64 -1.71
CA ASP A 174 -8.59 -8.60 -0.89
C ASP A 174 -9.01 -10.03 -1.20
N LEU A 175 -10.32 -10.25 -1.39
CA LEU A 175 -10.79 -11.58 -1.76
C LEU A 175 -10.17 -12.02 -3.09
N LEU A 176 -10.15 -11.13 -4.08
CA LEU A 176 -9.59 -11.49 -5.38
C LEU A 176 -8.09 -11.72 -5.30
N LEU A 177 -7.37 -10.82 -4.62
CA LEU A 177 -5.93 -10.98 -4.49
C LEU A 177 -5.57 -12.32 -3.86
N LEU A 178 -6.29 -12.71 -2.80
CA LEU A 178 -6.03 -13.99 -2.17
C LEU A 178 -6.26 -15.14 -3.15
N LYS A 179 -7.31 -15.03 -3.98
CA LYS A 179 -7.56 -16.06 -4.98
C LYS A 179 -6.43 -16.13 -6.00
N LEU A 180 -5.95 -14.97 -6.48
CA LEU A 180 -4.87 -14.95 -7.45
C LEU A 180 -3.58 -15.53 -6.85
N ILE A 181 -3.34 -15.22 -5.58
CA ILE A 181 -2.15 -15.73 -4.89
C ILE A 181 -2.24 -17.25 -4.73
N ASN A 182 -3.42 -17.75 -4.40
CA ASN A 182 -3.62 -19.18 -4.20
C ASN A 182 -3.70 -19.96 -5.52
N SER A 183 -3.69 -19.27 -6.66
CA SER A 183 -3.87 -19.89 -7.97
C SER A 183 -2.64 -19.83 -8.86
N SER A 184 -1.93 -18.70 -8.85
CA SER A 184 -0.90 -18.46 -9.85
C SER A 184 0.28 -19.38 -9.66
N GLY A 185 0.80 -19.89 -10.77
CA GLY A 185 2.07 -20.57 -10.78
C GLY A 185 3.24 -19.67 -11.10
N ASN A 186 3.00 -18.37 -11.29
CA ASN A 186 4.06 -17.43 -11.66
C ASN A 186 4.72 -16.96 -10.37
N THR A 187 5.74 -17.71 -9.94
CA THR A 187 6.40 -17.42 -8.67
C THR A 187 7.10 -16.07 -8.70
N GLN A 188 7.74 -15.72 -9.83
CA GLN A 188 8.47 -14.45 -9.87
C GLN A 188 7.51 -13.26 -9.81
N LEU A 189 6.35 -13.37 -10.47
CA LEU A 189 5.37 -12.30 -10.42
C LEU A 189 4.80 -12.14 -9.00
N LEU A 190 4.60 -13.25 -8.29
CA LEU A 190 4.20 -13.17 -6.91
C LEU A 190 5.29 -12.53 -6.04
N LYS A 191 6.56 -12.78 -6.37
CA LYS A 191 7.66 -12.09 -5.70
C LYS A 191 7.61 -10.59 -5.98
N ASP A 192 7.29 -10.21 -7.21
CA ASP A 192 7.24 -8.79 -7.58
C ASP A 192 6.23 -8.04 -6.74
N LEU A 193 5.02 -8.58 -6.60
CA LEU A 193 4.01 -7.92 -5.80
C LEU A 193 4.43 -7.85 -4.34
N ARG A 194 5.05 -8.92 -3.83
CA ARG A 194 5.50 -8.93 -2.45
C ARG A 194 6.54 -7.86 -2.19
N ASP A 195 7.39 -7.56 -3.17
CA ASP A 195 8.49 -6.64 -2.99
C ASP A 195 8.22 -5.26 -3.57
N ALA A 196 6.97 -4.98 -3.97
CA ALA A 196 6.62 -3.65 -4.45
C ALA A 196 6.80 -2.61 -3.36
N MET A 197 7.52 -1.53 -3.67
CA MET A 197 7.81 -0.46 -2.73
C MET A 197 6.92 0.75 -2.92
N SER A 198 5.96 0.68 -3.85
CA SER A 198 5.06 1.79 -4.10
C SER A 198 3.77 1.23 -4.68
N LYS A 199 2.74 2.07 -4.72
CA LYS A 199 1.49 1.65 -5.33
C LYS A 199 1.62 1.41 -6.83
N PRO A 200 2.24 2.29 -7.62
CA PRO A 200 2.40 1.97 -9.06
C PRO A 200 3.11 0.66 -9.31
N GLU A 201 4.15 0.35 -8.52
CA GLU A 201 4.80 -0.95 -8.63
C GLU A 201 3.83 -2.09 -8.26
N ALA A 202 3.06 -1.91 -7.18
CA ALA A 202 2.08 -2.92 -6.81
C ALA A 202 1.03 -3.07 -7.90
N GLU A 203 0.63 -1.95 -8.52
CA GLU A 203 -0.35 -1.99 -9.61
C GLU A 203 0.13 -2.85 -10.75
N ARG A 204 1.36 -2.60 -11.22
CA ARG A 204 1.87 -3.35 -12.38
C ARG A 204 1.96 -4.84 -12.07
N ALA A 205 2.38 -5.19 -10.85
CA ALA A 205 2.48 -6.60 -10.50
C ALA A 205 1.11 -7.23 -10.32
N ALA A 206 0.18 -6.50 -9.67
CA ALA A 206 -1.15 -7.04 -9.43
C ALA A 206 -1.94 -7.17 -10.73
N ASN A 207 -1.82 -6.20 -11.63
CA ASN A 207 -2.54 -6.29 -12.89
C ASN A 207 -2.06 -7.47 -13.71
N ALA A 208 -0.75 -7.75 -13.69
CA ALA A 208 -0.22 -8.89 -14.42
C ALA A 208 -0.70 -10.21 -13.84
N LEU A 209 -0.98 -10.24 -12.53
CA LEU A 209 -1.50 -11.43 -11.86
C LEU A 209 -2.98 -11.67 -12.17
N GLY A 210 -3.68 -10.70 -12.72
CA GLY A 210 -5.10 -10.83 -12.98
C GLY A 210 -5.97 -9.83 -12.25
N PHE A 211 -5.41 -8.91 -11.46
CA PHE A 211 -6.22 -7.87 -10.82
C PHE A 211 -6.59 -6.82 -11.86
N PRO A 212 -7.87 -6.51 -12.05
CA PRO A 212 -8.25 -5.59 -13.12
C PRO A 212 -7.72 -4.18 -12.87
N THR A 213 -7.30 -3.54 -13.97
CA THR A 213 -6.82 -2.16 -13.86
C THR A 213 -7.92 -1.22 -13.39
N GLU A 214 -9.18 -1.56 -13.62
CA GLU A 214 -10.29 -0.73 -13.15
C GLU A 214 -10.39 -0.70 -11.64
N GLY A 215 -9.80 -1.67 -10.95
CA GLY A 215 -9.76 -1.70 -9.51
C GLY A 215 -8.51 -1.10 -8.90
N ASN A 216 -7.64 -0.47 -9.70
CA ASN A 216 -6.42 0.09 -9.16
C ASN A 216 -6.68 1.24 -8.19
N GLY A 217 -7.84 1.92 -8.29
CA GLY A 217 -8.13 3.00 -7.39
C GLY A 217 -8.22 2.57 -5.94
N VAL A 218 -8.62 1.32 -5.69
CA VAL A 218 -8.71 0.77 -4.35
C VAL A 218 -7.59 -0.21 -4.04
N LEU A 219 -6.65 -0.41 -4.96
CA LEU A 219 -5.60 -1.39 -4.75
C LEU A 219 -4.71 -1.00 -3.58
N PHE A 220 -4.53 -1.93 -2.65
CA PHE A 220 -3.82 -1.71 -1.40
C PHE A 220 -3.45 -3.05 -0.80
N LEU A 221 -2.22 -3.22 -0.34
CA LEU A 221 -1.75 -4.49 0.21
C LEU A 221 -2.01 -4.52 1.71
N SER A 222 -2.98 -5.33 2.12
CA SER A 222 -3.32 -5.51 3.52
C SER A 222 -2.44 -6.59 4.14
N ARG A 223 -2.52 -6.69 5.48
CA ARG A 223 -1.73 -7.66 6.22
C ARG A 223 -2.00 -9.09 5.77
N GLU A 224 -3.28 -9.44 5.60
CA GLU A 224 -3.61 -10.82 5.23
C GLU A 224 -3.11 -11.16 3.83
N VAL A 225 -3.05 -10.18 2.93
CA VAL A 225 -2.55 -10.44 1.58
C VAL A 225 -1.04 -10.58 1.58
N VAL A 226 -0.34 -9.74 2.35
CA VAL A 226 1.11 -9.84 2.43
C VAL A 226 1.52 -11.15 3.10
N ASP A 227 0.79 -11.54 4.16
CA ASP A 227 1.07 -12.82 4.82
C ASP A 227 0.91 -13.98 3.85
N ALA A 228 -0.24 -14.04 3.15
CA ALA A 228 -0.46 -15.11 2.18
C ALA A 228 0.55 -15.06 1.05
N LEU A 229 0.93 -13.84 0.64
CA LEU A 229 1.94 -13.68 -0.40
C LEU A 229 3.29 -14.20 0.08
N GLU A 230 3.62 -13.96 1.35
CA GLU A 230 4.89 -14.42 1.90
C GLU A 230 4.94 -15.95 1.96
N GLU A 231 3.86 -16.59 2.41
CA GLU A 231 3.86 -18.04 2.51
C GLU A 231 4.01 -18.67 1.12
N ARG A 232 3.18 -18.24 0.18
CA ARG A 232 3.19 -18.82 -1.16
C ARG A 232 4.54 -18.66 -1.85
N VAL A 233 5.18 -17.50 -1.66
CA VAL A 233 6.49 -17.28 -2.28
C VAL A 233 7.54 -18.20 -1.67
N GLU A 234 7.45 -18.45 -0.36
CA GLU A 234 8.38 -19.38 0.28
C GLU A 234 7.95 -20.84 0.11
N LYS A 235 6.71 -21.09 -0.30
CA LYS A 235 6.22 -22.46 -0.49
C LYS A 235 6.96 -23.09 -1.67
N LEU A 236 8.18 -23.54 -1.40
CA LEU A 236 9.02 -24.23 -2.38
C LEU A 236 9.25 -23.38 -3.63
N PRO B 2 27.80 -6.93 -29.65
CA PRO B 2 27.74 -5.63 -30.33
C PRO B 2 26.88 -4.62 -29.57
N SER B 3 26.17 -5.09 -28.54
CA SER B 3 25.33 -4.22 -27.74
C SER B 3 26.10 -3.72 -26.53
N ALA B 4 25.87 -2.45 -26.18
CA ALA B 4 26.63 -1.80 -25.11
C ALA B 4 26.15 -2.28 -23.75
N LYS B 5 26.81 -1.79 -22.70
CA LYS B 5 26.58 -2.21 -21.32
C LYS B 5 25.75 -1.21 -20.53
N ASN B 6 25.10 -0.27 -21.22
CA ASN B 6 24.38 0.80 -20.52
C ASN B 6 23.33 0.24 -19.57
N LYS B 7 22.44 -0.60 -20.07
CA LYS B 7 21.39 -1.16 -19.22
C LYS B 7 21.98 -2.05 -18.13
N GLU B 8 23.07 -2.75 -18.44
CA GLU B 8 23.69 -3.63 -17.44
C GLU B 8 24.24 -2.82 -16.26
N PHE B 9 24.83 -1.66 -16.55
CA PHE B 9 25.31 -0.80 -15.46
C PHE B 9 24.15 -0.18 -14.69
N PHE B 10 23.07 0.17 -15.39
CA PHE B 10 21.88 0.68 -14.72
C PHE B 10 21.31 -0.35 -13.76
N ASP B 11 21.18 -1.60 -14.21
CA ASP B 11 20.66 -2.65 -13.35
C ASP B 11 21.65 -3.03 -12.26
N ALA B 12 22.95 -2.92 -12.54
CA ALA B 12 23.96 -3.23 -11.53
C ALA B 12 23.90 -2.24 -10.37
N LEU B 13 23.72 -0.95 -10.67
CA LEU B 13 23.64 0.04 -9.61
C LEU B 13 22.45 -0.20 -8.70
N GLU B 14 21.30 -0.56 -9.28
CA GLU B 14 20.12 -0.84 -8.47
C GLU B 14 20.28 -2.12 -7.67
N GLU B 15 20.97 -3.12 -8.22
CA GLU B 15 21.20 -4.36 -7.48
C GLU B 15 22.20 -4.17 -6.35
N ILE B 16 23.27 -3.42 -6.61
CA ILE B 16 24.27 -3.16 -5.57
C ILE B 16 23.68 -2.29 -4.47
N ALA B 17 22.85 -1.32 -4.84
CA ALA B 17 22.25 -0.43 -3.84
C ALA B 17 21.23 -1.17 -2.98
N GLU B 18 20.43 -2.05 -3.60
CA GLU B 18 19.49 -2.86 -2.83
C GLU B 18 20.22 -3.71 -1.80
N SER B 19 21.39 -4.24 -2.17
CA SER B 19 22.18 -5.05 -1.25
C SER B 19 22.84 -4.22 -0.17
N ALA B 20 23.03 -2.92 -0.39
CA ALA B 20 23.73 -2.07 0.55
C ALA B 20 22.82 -1.46 1.61
N LYS B 21 21.51 -1.66 1.52
CA LYS B 21 20.60 -1.07 2.50
C LYS B 21 20.80 -1.67 3.88
N ASN B 22 21.13 -2.95 3.96
CA ASN B 22 21.45 -3.62 5.22
C ASN B 22 22.87 -4.15 5.21
N ASP B 23 23.79 -3.36 4.66
CA ASP B 23 25.21 -3.70 4.65
C ASP B 23 25.96 -2.37 4.71
N GLU B 24 26.36 -1.98 5.93
CA GLU B 24 26.99 -0.67 6.11
C GLU B 24 28.33 -0.58 5.39
N THR B 25 29.05 -1.70 5.28
CA THR B 25 30.33 -1.68 4.58
C THR B 25 30.14 -1.41 3.09
N LEU B 26 29.27 -2.20 2.44
CA LEU B 26 29.05 -2.03 1.01
C LEU B 26 28.46 -0.67 0.69
N ARG B 27 27.59 -0.15 1.55
CA ARG B 27 26.98 1.16 1.30
C ARG B 27 28.04 2.26 1.28
N ASN B 28 28.98 2.23 2.23
CA ASN B 28 30.08 3.20 2.22
C ASN B 28 30.86 3.13 0.91
N GLU B 29 31.17 1.92 0.46
CA GLU B 29 31.95 1.76 -0.77
C GLU B 29 31.16 2.22 -1.98
N LEU B 30 29.88 1.86 -2.06
CA LEU B 30 29.06 2.25 -3.21
C LEU B 30 28.90 3.77 -3.26
N ALA B 31 28.79 4.42 -2.10
CA ALA B 31 28.59 5.86 -2.07
C ALA B 31 29.78 6.61 -2.66
N LYS B 32 30.99 6.13 -2.38
CA LYS B 32 32.17 6.82 -2.92
C LYS B 32 32.31 6.60 -4.42
N VAL B 33 31.84 5.46 -4.93
CA VAL B 33 31.86 5.23 -6.37
C VAL B 33 30.87 6.15 -7.06
N LEU B 34 29.70 6.37 -6.45
CA LEU B 34 28.72 7.28 -7.03
C LEU B 34 29.22 8.72 -7.01
N ASP B 35 29.80 9.14 -5.88
CA ASP B 35 30.34 10.50 -5.78
C ASP B 35 31.33 10.78 -6.91
N ASP B 36 32.14 9.79 -7.28
CA ASP B 36 33.07 9.97 -8.39
C ASP B 36 32.33 10.17 -9.70
N ILE B 37 31.28 9.39 -9.94
CA ILE B 37 30.53 9.48 -11.19
C ILE B 37 29.81 10.82 -11.29
N LEU B 38 29.27 11.32 -10.17
CA LEU B 38 28.49 12.55 -10.20
C LEU B 38 29.34 13.73 -10.67
N LYS B 39 30.61 13.76 -10.30
CA LYS B 39 31.48 14.87 -10.66
C LYS B 39 31.87 14.87 -12.13
N THR B 40 31.39 13.93 -12.93
CA THR B 40 31.68 13.86 -14.36
C THR B 40 30.49 14.35 -15.16
N ASP B 41 30.73 15.26 -16.09
CA ASP B 41 29.66 15.79 -16.93
C ASP B 41 29.20 14.72 -17.91
N PRO B 42 27.94 14.28 -17.85
CA PRO B 42 27.47 13.27 -18.81
C PRO B 42 27.47 13.77 -20.24
N SER B 43 27.47 15.08 -20.46
CA SER B 43 27.60 15.64 -21.80
C SER B 43 29.01 15.44 -22.35
N ASP B 44 29.96 15.03 -21.52
CA ASP B 44 31.32 14.71 -21.92
C ASP B 44 31.42 13.19 -22.09
N PRO B 45 31.22 12.67 -23.31
CA PRO B 45 31.11 11.20 -23.45
C PRO B 45 32.40 10.47 -23.13
N GLU B 46 33.55 11.03 -23.49
CA GLU B 46 34.81 10.35 -23.24
C GLU B 46 35.14 10.33 -21.75
N ALA B 47 34.86 11.43 -21.05
CA ALA B 47 35.13 11.47 -19.61
C ALA B 47 34.16 10.59 -18.84
N PHE B 48 32.95 10.37 -19.36
CA PHE B 48 31.98 9.52 -18.66
C PHE B 48 32.40 8.06 -18.70
N ARG B 49 32.71 7.55 -19.90
CA ARG B 49 33.21 6.17 -20.00
C ARG B 49 34.46 5.99 -19.16
N LYS B 50 35.34 6.99 -19.15
CA LYS B 50 36.60 6.90 -18.41
C LYS B 50 36.34 6.68 -16.92
N ILE B 51 35.59 7.58 -16.28
CA ILE B 51 35.42 7.49 -14.84
C ILE B 51 34.69 6.20 -14.46
N VAL B 52 33.82 5.71 -15.34
CA VAL B 52 33.15 4.44 -15.07
C VAL B 52 34.15 3.29 -15.12
N ALA B 53 35.05 3.30 -16.12
CA ALA B 53 35.99 2.20 -16.28
C ALA B 53 37.03 2.17 -15.17
N GLU B 54 37.34 3.32 -14.57
CA GLU B 54 38.34 3.35 -13.51
C GLU B 54 37.86 2.71 -12.22
N HIS B 55 36.58 2.34 -12.14
CA HIS B 55 36.05 1.58 -11.01
C HIS B 55 35.86 0.11 -11.36
N GLN B 56 36.65 -0.41 -12.30
CA GLN B 56 36.49 -1.78 -12.76
C GLN B 56 36.62 -2.77 -11.60
N GLU B 57 37.55 -2.53 -10.68
CA GLU B 57 37.70 -3.43 -9.55
C GLU B 57 36.44 -3.50 -8.70
N PHE B 58 35.69 -2.39 -8.63
CA PHE B 58 34.41 -2.41 -7.95
C PHE B 58 33.38 -3.20 -8.75
N TRP B 59 33.30 -2.93 -10.05
CA TRP B 59 32.34 -3.66 -10.88
C TRP B 59 32.68 -5.15 -10.94
N ASP B 60 33.97 -5.49 -10.95
CA ASP B 60 34.37 -6.89 -11.05
C ASP B 60 33.96 -7.69 -9.81
N GLU B 61 33.95 -7.05 -8.64
CA GLU B 61 33.60 -7.74 -7.41
C GLU B 61 32.10 -8.01 -7.28
N HIS B 62 31.26 -7.38 -8.10
CA HIS B 62 29.82 -7.60 -8.04
C HIS B 62 29.23 -8.16 -9.31
N ASP B 63 29.80 -7.85 -10.48
CA ASP B 63 29.35 -8.40 -11.75
C ASP B 63 30.47 -8.30 -12.77
N PRO B 64 31.25 -9.36 -12.95
CA PRO B 64 32.39 -9.28 -13.88
C PRO B 64 32.00 -9.06 -15.32
N SER B 65 30.75 -9.33 -15.69
CA SER B 65 30.33 -9.15 -17.08
C SER B 65 30.27 -7.68 -17.48
N LEU B 66 30.25 -6.76 -16.51
CA LEU B 66 30.20 -5.34 -16.83
C LEU B 66 31.45 -4.90 -17.57
N MET B 67 32.62 -5.25 -17.05
CA MET B 67 33.89 -4.85 -17.64
C MET B 67 34.51 -5.95 -18.50
N GLU B 68 33.74 -6.97 -18.84
CA GLU B 68 34.27 -8.09 -19.60
C GLU B 68 34.30 -7.77 -21.09
N PHE B 69 35.42 -8.08 -21.74
CA PHE B 69 35.56 -7.90 -23.17
C PHE B 69 36.51 -8.96 -23.71
N ASN B 70 36.13 -9.59 -24.82
CA ASN B 70 36.90 -10.69 -25.40
C ASN B 70 37.92 -10.11 -26.38
N GLU B 71 39.13 -9.89 -25.88
CA GLU B 71 40.23 -9.44 -26.71
C GLU B 71 40.73 -10.57 -27.60
N GLY B 72 41.68 -10.25 -28.47
CA GLY B 72 42.33 -11.27 -29.27
C GLY B 72 42.32 -11.05 -30.76
N ARG B 73 41.15 -10.74 -31.33
CA ARG B 73 41.01 -10.65 -32.77
C ARG B 73 41.81 -9.46 -33.31
N PHE B 74 42.51 -9.69 -34.43
CA PHE B 74 43.40 -8.65 -34.96
C PHE B 74 42.63 -7.50 -35.58
N PHE B 75 41.48 -7.76 -36.19
CA PHE B 75 40.68 -6.69 -36.77
C PHE B 75 39.72 -6.06 -35.77
N GLY B 76 39.44 -6.74 -34.65
CA GLY B 76 38.59 -6.20 -33.62
C GLY B 76 39.31 -5.20 -32.74
N LYS B 77 38.53 -4.61 -31.82
CA LYS B 77 39.06 -3.59 -30.93
C LYS B 77 39.91 -4.21 -29.82
N SER B 78 40.98 -3.51 -29.45
CA SER B 78 41.66 -3.85 -28.21
C SER B 78 40.79 -3.44 -27.03
N ARG B 79 41.16 -3.91 -25.84
CA ARG B 79 40.40 -3.56 -24.65
C ARG B 79 40.40 -2.06 -24.41
N LYS B 80 41.56 -1.42 -24.55
CA LYS B 80 41.64 0.03 -24.42
C LYS B 80 40.74 0.72 -25.43
N GLN B 81 40.75 0.26 -26.68
CA GLN B 81 39.85 0.82 -27.68
C GLN B 81 38.39 0.59 -27.31
N TYR B 82 38.06 -0.63 -26.88
CA TYR B 82 36.69 -0.95 -26.51
C TYR B 82 36.17 -0.03 -25.40
N LEU B 83 36.98 0.19 -24.37
CA LEU B 83 36.52 0.98 -23.22
C LEU B 83 36.31 2.45 -23.58
N LYS B 84 36.89 2.94 -24.67
CA LYS B 84 36.68 4.31 -25.10
C LYS B 84 35.59 4.44 -26.14
N SER B 85 34.89 3.37 -26.47
CA SER B 85 33.95 3.33 -27.59
C SER B 85 32.53 3.13 -27.10
N ASP B 86 31.58 3.30 -28.02
CA ASP B 86 30.17 3.08 -27.73
C ASP B 86 29.80 1.61 -27.63
N ASP B 87 30.69 0.70 -28.05
CA ASP B 87 30.45 -0.72 -27.83
C ASP B 87 30.47 -1.07 -26.34
N PHE B 88 31.14 -0.26 -25.53
CA PHE B 88 31.15 -0.41 -24.08
C PHE B 88 30.00 0.37 -23.44
N LEU B 89 30.02 1.70 -23.61
CA LEU B 89 28.95 2.56 -23.11
C LEU B 89 28.50 3.45 -24.26
N ASN B 90 27.24 3.33 -24.66
CA ASN B 90 26.70 4.05 -25.80
C ASN B 90 26.16 5.40 -25.33
N SER B 91 26.71 6.49 -25.89
CA SER B 91 26.30 7.83 -25.48
C SER B 91 24.93 8.22 -26.02
N THR B 92 24.38 7.48 -26.97
CA THR B 92 23.06 7.76 -27.52
C THR B 92 22.10 6.60 -27.31
N ASP B 93 22.28 5.86 -26.22
CA ASP B 93 21.32 4.82 -25.86
C ASP B 93 19.99 5.48 -25.47
N PRO B 94 18.86 5.09 -26.06
CA PRO B 94 17.61 5.80 -25.79
C PRO B 94 17.19 5.76 -24.32
N THR B 95 17.00 4.56 -23.76
CA THR B 95 16.53 4.46 -22.37
C THR B 95 17.63 4.79 -21.36
N TYR B 96 18.87 4.39 -21.63
CA TYR B 96 19.95 4.48 -20.65
C TYR B 96 21.15 5.23 -21.23
N ASN B 97 20.91 6.45 -21.73
CA ASN B 97 22.02 7.30 -22.14
C ASN B 97 22.78 7.79 -20.92
N PHE B 98 23.83 8.56 -21.16
CA PHE B 98 24.69 9.00 -20.06
C PHE B 98 24.01 10.04 -19.18
N GLN B 99 23.01 10.75 -19.71
CA GLN B 99 22.23 11.66 -18.87
C GLN B 99 21.36 10.87 -17.90
N LYS B 100 20.70 9.82 -18.38
CA LYS B 100 19.89 8.99 -17.49
C LYS B 100 20.75 8.28 -16.45
N LEU B 101 21.94 7.83 -16.86
CA LEU B 101 22.84 7.18 -15.91
C LEU B 101 23.32 8.15 -14.84
N HIS B 102 23.64 9.38 -15.24
CA HIS B 102 24.03 10.37 -14.23
C HIS B 102 22.85 10.73 -13.33
N GLN B 103 21.65 10.82 -13.89
CA GLN B 103 20.46 11.06 -13.08
C GLN B 103 20.23 9.91 -12.10
N PHE B 104 20.33 8.67 -12.59
CA PHE B 104 20.09 7.53 -11.72
C PHE B 104 21.14 7.44 -10.61
N ALA B 105 22.40 7.71 -10.95
CA ALA B 105 23.45 7.72 -9.93
C ALA B 105 23.19 8.79 -8.88
N ALA B 106 22.60 9.92 -9.28
CA ALA B 106 22.28 10.97 -8.32
C ALA B 106 21.16 10.52 -7.38
N GLU B 107 20.11 9.93 -7.93
CA GLU B 107 19.02 9.41 -7.09
C GLU B 107 19.53 8.37 -6.10
N GLN B 108 20.30 7.40 -6.60
CA GLN B 108 20.82 6.35 -5.72
C GLN B 108 21.75 6.92 -4.66
N ARG B 109 22.49 7.99 -4.99
CA ARG B 109 23.37 8.60 -4.00
C ARG B 109 22.59 9.23 -2.87
N VAL B 110 21.44 9.84 -3.18
CA VAL B 110 20.60 10.43 -2.14
C VAL B 110 20.05 9.33 -1.22
N LYS B 111 19.54 8.25 -1.80
CA LYS B 111 18.92 7.21 -0.99
C LYS B 111 19.93 6.52 -0.08
N LEU B 112 21.19 6.43 -0.51
CA LEU B 112 22.22 5.90 0.38
C LEU B 112 22.43 6.81 1.58
N GLY B 113 22.38 8.13 1.35
CA GLY B 113 22.53 9.06 2.46
C GLY B 113 21.37 9.00 3.44
N LEU B 114 20.16 8.71 2.95
CA LEU B 114 19.01 8.67 3.84
C LEU B 114 19.04 7.45 4.75
N GLU B 115 19.71 6.38 4.33
CA GLU B 115 19.73 5.15 5.11
C GLU B 115 20.52 5.28 6.41
N LYS B 116 21.23 6.40 6.62
CA LYS B 116 21.88 6.68 7.89
C LYS B 116 21.59 8.10 8.35
N SER B 117 20.44 8.64 7.97
CA SER B 117 20.02 9.97 8.41
C SER B 117 19.17 9.85 9.68
N ASP B 118 19.13 10.95 10.44
CA ASP B 118 18.28 11.01 11.62
C ASP B 118 16.83 11.17 11.19
N THR B 119 15.94 11.22 12.19
CA THR B 119 14.51 11.31 11.90
C THR B 119 14.15 12.66 11.26
N ASP B 120 14.76 13.75 11.73
CA ASP B 120 14.41 15.06 11.21
C ASP B 120 14.74 15.18 9.72
N THR B 121 15.81 14.54 9.26
CA THR B 121 16.11 14.55 7.83
C THR B 121 15.06 13.77 7.05
N LEU B 122 14.64 12.62 7.55
CA LEU B 122 13.61 11.84 6.87
C LEU B 122 12.30 12.60 6.80
N VAL B 123 11.92 13.26 7.90
CA VAL B 123 10.69 14.04 7.93
C VAL B 123 10.77 15.20 6.94
N ALA B 124 11.92 15.87 6.89
CA ALA B 124 12.08 17.00 5.98
C ALA B 124 11.93 16.57 4.52
N ILE B 125 12.47 15.39 4.18
CA ILE B 125 12.32 14.88 2.81
C ILE B 125 10.84 14.71 2.49
N LEU B 126 10.04 14.27 3.46
CA LEU B 126 8.62 14.02 3.21
C LEU B 126 7.80 15.30 3.26
N LYS B 127 8.25 16.31 4.01
CA LYS B 127 7.47 17.54 4.14
C LYS B 127 7.66 18.47 2.96
N ASN B 128 8.90 18.62 2.47
CA ASN B 128 9.16 19.50 1.35
C ASN B 128 8.57 18.93 0.07
N ASN B 129 8.01 19.79 -0.76
CA ASN B 129 7.51 19.37 -2.06
C ASN B 129 8.72 19.23 -2.98
N PRO B 130 8.53 18.76 -4.23
CA PRO B 130 9.70 18.52 -5.11
C PRO B 130 10.76 19.62 -5.12
N GLU B 131 10.37 20.89 -5.11
CA GLU B 131 11.39 21.94 -5.33
C GLU B 131 12.19 22.22 -4.07
N GLU B 132 11.53 22.38 -2.91
CA GLU B 132 12.26 22.52 -1.66
C GLU B 132 13.07 21.27 -1.36
N CYS B 133 12.60 20.10 -1.82
CA CYS B 133 13.34 18.87 -1.62
C CYS B 133 14.72 18.95 -2.29
N ARG B 134 14.75 19.39 -3.55
CA ARG B 134 16.02 19.58 -4.24
C ARG B 134 16.87 20.63 -3.53
N ALA B 135 16.24 21.72 -3.09
CA ALA B 135 16.99 22.75 -2.37
C ALA B 135 17.48 22.23 -1.02
N TYR B 136 16.67 21.41 -0.36
CA TYR B 136 17.07 20.89 0.95
C TYR B 136 18.15 19.82 0.84
N ILE B 137 18.15 19.05 -0.26
CA ILE B 137 19.12 17.97 -0.40
C ILE B 137 20.53 18.51 -0.50
N GLU B 138 20.73 19.59 -1.27
CA GLU B 138 22.05 20.18 -1.37
C GLU B 138 22.42 21.03 -0.17
N SER B 139 21.45 21.40 0.68
CA SER B 139 21.78 22.04 1.94
C SER B 139 22.48 21.10 2.90
N LYS B 140 22.45 19.79 2.63
CA LYS B 140 23.17 18.79 3.41
C LYS B 140 24.33 18.22 2.60
N LYS B 141 25.06 19.09 1.92
CA LYS B 141 26.15 18.70 1.04
C LYS B 141 27.39 18.24 1.80
N PRO B 142 27.89 17.03 1.48
CA PRO B 142 27.21 16.07 0.61
C PRO B 142 26.77 14.80 1.34
N GLY B 143 26.20 14.95 2.53
CA GLY B 143 25.67 13.78 3.23
C GLY B 143 24.65 13.03 2.41
N LEU B 144 23.87 13.75 1.59
CA LEU B 144 22.97 13.15 0.62
C LEU B 144 23.52 13.23 -0.80
N GLY B 145 24.77 13.62 -0.96
CA GLY B 145 25.39 13.69 -2.27
C GLY B 145 25.64 15.13 -2.72
N ASN B 146 26.74 15.31 -3.46
CA ASN B 146 27.13 16.59 -4.04
C ASN B 146 26.88 16.52 -5.54
N PHE B 147 25.83 17.19 -5.99
CA PHE B 147 25.50 17.16 -7.42
C PHE B 147 24.83 18.49 -7.79
N SER B 148 24.02 18.47 -8.85
CA SER B 148 23.62 19.68 -9.56
C SER B 148 24.85 20.44 -10.06
N GLU B 149 25.86 19.68 -10.44
CA GLU B 149 27.10 20.19 -11.03
C GLU B 149 26.89 20.42 -12.53
N GLY B 150 27.80 21.20 -13.12
CA GLY B 150 27.75 21.53 -14.54
C GLY B 150 27.33 20.43 -15.49
N ASN B 151 26.33 20.73 -16.33
CA ASN B 151 25.82 19.77 -17.31
C ASN B 151 25.20 20.58 -18.45
N VAL B 152 25.94 20.69 -19.56
CA VAL B 152 25.52 21.59 -20.62
C VAL B 152 24.40 20.98 -21.47
N HIS B 153 24.39 19.67 -21.65
CA HIS B 153 23.41 19.00 -22.51
C HIS B 153 22.31 18.30 -21.74
N GLY B 154 22.17 18.59 -20.45
CA GLY B 154 21.10 17.96 -19.69
C GLY B 154 19.73 18.45 -20.13
N GLY B 155 18.73 17.59 -19.95
CA GLY B 155 17.37 17.98 -20.23
C GLY B 155 16.73 18.62 -19.02
N SER B 156 16.95 19.91 -18.84
CA SER B 156 16.58 20.58 -17.60
C SER B 156 15.18 21.20 -17.61
N GLY B 157 14.28 20.69 -16.78
CA GLY B 157 14.54 19.54 -15.93
C GLY B 157 15.44 19.75 -14.72
N GLY B 158 16.10 18.68 -14.32
CA GLY B 158 17.05 18.75 -13.21
C GLY B 158 17.77 17.43 -13.05
N VAL B 159 18.86 17.49 -12.31
CA VAL B 159 19.63 16.27 -12.03
C VAL B 159 18.77 15.29 -11.22
N LEU B 160 17.92 15.81 -10.34
CA LEU B 160 16.94 14.99 -9.63
C LEU B 160 15.58 15.23 -10.26
N SER B 161 15.13 14.28 -11.08
CA SER B 161 13.86 14.40 -11.76
C SER B 161 12.71 14.40 -10.75
N ASP B 162 11.52 14.76 -11.24
CA ASP B 162 10.34 14.73 -10.39
C ASP B 162 10.04 13.33 -9.90
N GLU B 163 10.31 12.32 -10.72
CA GLU B 163 10.07 10.94 -10.31
C GLU B 163 11.20 10.38 -9.47
N ALA B 164 12.39 10.98 -9.53
CA ALA B 164 13.45 10.59 -8.61
C ALA B 164 13.16 11.10 -7.20
N ILE B 165 12.72 12.36 -7.09
CA ILE B 165 12.33 12.91 -5.79
C ILE B 165 11.24 12.07 -5.16
N LYS B 166 10.28 11.61 -5.96
CA LYS B 166 9.21 10.77 -5.44
C LYS B 166 9.74 9.44 -4.94
N ARG B 167 10.67 8.82 -5.68
CA ARG B 167 11.27 7.58 -5.20
C ARG B 167 12.15 7.82 -3.98
N ILE B 168 12.79 8.99 -3.90
CA ILE B 168 13.52 9.34 -2.69
C ILE B 168 12.57 9.48 -1.52
N LYS B 169 11.40 10.10 -1.76
CA LYS B 169 10.40 10.23 -0.69
C LYS B 169 9.88 8.87 -0.26
N GLU B 170 9.67 7.97 -1.22
CA GLU B 170 9.20 6.62 -0.89
C GLU B 170 10.23 5.87 -0.06
N GLN B 171 11.53 6.08 -0.32
CA GLN B 171 12.55 5.45 0.50
C GLN B 171 12.59 6.06 1.90
N ALA B 172 12.48 7.40 1.98
CA ALA B 172 12.42 8.04 3.29
C ALA B 172 11.17 7.63 4.06
N ARG B 173 10.09 7.32 3.35
CA ARG B 173 8.87 6.85 4.01
C ARG B 173 9.13 5.53 4.74
N ASP B 174 9.75 4.57 4.06
CA ASP B 174 10.03 3.28 4.69
C ASP B 174 11.03 3.41 5.83
N LEU B 175 12.08 4.21 5.63
CA LEU B 175 13.06 4.42 6.68
C LEU B 175 12.42 5.03 7.92
N LEU B 176 11.55 6.02 7.72
CA LEU B 176 10.91 6.67 8.87
C LEU B 176 9.93 5.73 9.56
N LEU B 177 9.07 5.07 8.79
CA LEU B 177 8.08 4.16 9.39
C LEU B 177 8.76 3.11 10.28
N LEU B 178 9.89 2.57 9.83
CA LEU B 178 10.59 1.57 10.65
C LEU B 178 11.07 2.17 11.96
N LYS B 179 11.59 3.40 11.92
CA LYS B 179 12.03 4.07 13.15
C LYS B 179 10.84 4.34 14.07
N LEU B 180 9.74 4.84 13.52
CA LEU B 180 8.57 5.15 14.34
C LEU B 180 7.99 3.89 14.96
N ILE B 181 7.95 2.80 14.20
CA ILE B 181 7.38 1.54 14.67
C ILE B 181 8.21 0.98 15.82
N ASN B 182 9.53 1.08 15.72
CA ASN B 182 10.40 0.54 16.76
C ASN B 182 10.42 1.40 18.02
N SER B 183 10.09 2.69 17.92
CA SER B 183 10.15 3.59 19.06
C SER B 183 8.83 3.70 19.81
N SER B 184 7.71 3.80 19.08
CA SER B 184 6.41 3.93 19.73
C SER B 184 6.04 2.66 20.47
N GLY B 185 5.43 2.82 21.64
CA GLY B 185 4.94 1.69 22.42
C GLY B 185 3.44 1.56 22.44
N ASN B 186 2.71 2.35 21.66
CA ASN B 186 1.25 2.31 21.63
C ASN B 186 0.84 1.09 20.82
N THR B 187 0.51 0.00 21.51
CA THR B 187 0.23 -1.27 20.83
C THR B 187 -1.03 -1.16 19.97
N GLN B 188 -2.07 -0.48 20.45
CA GLN B 188 -3.29 -0.37 19.67
C GLN B 188 -3.08 0.45 18.41
N LEU B 189 -2.20 1.45 18.45
CA LEU B 189 -1.93 2.24 17.25
C LEU B 189 -1.09 1.45 16.25
N LEU B 190 -0.15 0.64 16.74
CA LEU B 190 0.61 -0.21 15.83
C LEU B 190 -0.29 -1.25 15.18
N LYS B 191 -1.27 -1.77 15.93
CA LYS B 191 -2.23 -2.70 15.35
C LYS B 191 -3.17 -2.00 14.37
N ASP B 192 -3.50 -0.74 14.62
CA ASP B 192 -4.34 0.00 13.68
C ASP B 192 -3.67 0.12 12.32
N LEU B 193 -2.36 0.35 12.30
CA LEU B 193 -1.65 0.43 11.03
C LEU B 193 -1.43 -0.96 10.44
N ARG B 194 -1.15 -1.94 11.29
CA ARG B 194 -1.01 -3.32 10.82
C ARG B 194 -2.27 -3.79 10.11
N ASP B 195 -3.44 -3.45 10.65
CA ASP B 195 -4.70 -3.99 10.15
C ASP B 195 -5.42 -3.04 9.20
N ALA B 196 -4.76 -1.97 8.77
CA ALA B 196 -5.38 -1.03 7.83
C ALA B 196 -5.76 -1.75 6.55
N MET B 197 -6.96 -1.48 6.05
CA MET B 197 -7.49 -2.10 4.85
C MET B 197 -7.56 -1.15 3.66
N SER B 198 -7.11 0.10 3.83
CA SER B 198 -7.13 1.07 2.75
C SER B 198 -6.11 2.16 3.07
N LYS B 199 -5.85 3.01 2.08
CA LYS B 199 -4.89 4.10 2.25
C LYS B 199 -5.35 5.12 3.30
N PRO B 200 -6.61 5.57 3.29
CA PRO B 200 -7.04 6.49 4.36
C PRO B 200 -6.89 5.91 5.77
N GLU B 201 -7.19 4.62 5.94
CA GLU B 201 -6.97 3.98 7.23
C GLU B 201 -5.49 3.96 7.58
N ALA B 202 -4.62 3.68 6.60
CA ALA B 202 -3.19 3.68 6.85
C ALA B 202 -2.70 5.07 7.19
N GLU B 203 -3.22 6.10 6.52
CA GLU B 203 -2.83 7.47 6.81
C GLU B 203 -3.18 7.84 8.25
N ARG B 204 -4.42 7.58 8.66
CA ARG B 204 -4.82 7.93 10.02
C ARG B 204 -3.93 7.27 11.06
N ALA B 205 -3.61 5.98 10.86
CA ALA B 205 -2.79 5.29 11.84
C ALA B 205 -1.33 5.73 11.78
N ALA B 206 -0.78 5.85 10.57
CA ALA B 206 0.63 6.23 10.44
C ALA B 206 0.86 7.66 10.92
N ASN B 207 -0.09 8.56 10.64
CA ASN B 207 0.09 9.96 11.06
C ASN B 207 0.09 10.08 12.58
N ALA B 208 -0.72 9.28 13.27
CA ALA B 208 -0.70 9.29 14.73
C ALA B 208 0.60 8.74 15.27
N LEU B 209 1.26 7.86 14.52
CA LEU B 209 2.53 7.30 14.97
C LEU B 209 3.71 8.24 14.73
N GLY B 210 3.49 9.36 14.04
CA GLY B 210 4.55 10.29 13.73
C GLY B 210 4.85 10.45 12.25
N PHE B 211 4.20 9.73 11.36
CA PHE B 211 4.44 9.91 9.93
C PHE B 211 3.76 11.21 9.50
N PRO B 212 4.48 12.17 8.92
CA PRO B 212 3.88 13.47 8.64
C PRO B 212 2.79 13.37 7.57
N THR B 213 1.72 14.13 7.78
CA THR B 213 0.63 14.15 6.80
C THR B 213 1.09 14.68 5.45
N GLU B 214 2.16 15.47 5.42
CA GLU B 214 2.71 15.95 4.16
C GLU B 214 3.28 14.81 3.32
N GLY B 215 3.53 13.66 3.92
CA GLY B 215 4.02 12.49 3.20
C GLY B 215 2.95 11.50 2.81
N ASN B 216 1.69 11.80 3.09
CA ASN B 216 0.61 10.86 2.77
C ASN B 216 0.51 10.58 1.28
N GLY B 217 1.01 11.48 0.43
CA GLY B 217 0.92 11.27 -1.01
C GLY B 217 1.71 10.06 -1.48
N VAL B 218 2.73 9.67 -0.73
CA VAL B 218 3.55 8.51 -1.06
C VAL B 218 3.39 7.39 -0.05
N LEU B 219 2.39 7.48 0.83
CA LEU B 219 2.24 6.48 1.89
C LEU B 219 1.76 5.16 1.29
N PHE B 220 2.58 4.12 1.46
CA PHE B 220 2.29 2.78 0.98
C PHE B 220 2.94 1.80 1.96
N LEU B 221 2.19 0.77 2.34
CA LEU B 221 2.69 -0.21 3.31
C LEU B 221 3.40 -1.31 2.55
N SER B 222 4.73 -1.29 2.59
CA SER B 222 5.52 -2.36 2.00
C SER B 222 5.53 -3.57 2.90
N ARG B 223 5.91 -4.72 2.31
CA ARG B 223 6.07 -5.95 3.09
C ARG B 223 7.10 -5.78 4.19
N GLU B 224 8.11 -4.94 3.96
CA GLU B 224 9.12 -4.66 4.98
C GLU B 224 8.49 -4.04 6.22
N VAL B 225 7.60 -3.08 6.01
CA VAL B 225 6.98 -2.37 7.13
C VAL B 225 5.91 -3.22 7.78
N VAL B 226 5.12 -3.94 6.98
CA VAL B 226 4.10 -4.85 7.52
C VAL B 226 4.74 -5.90 8.43
N ASP B 227 5.87 -6.47 7.99
CA ASP B 227 6.56 -7.47 8.81
C ASP B 227 7.01 -6.87 10.14
N ALA B 228 7.52 -5.63 10.13
CA ALA B 228 7.96 -5.01 11.37
C ALA B 228 6.79 -4.76 12.30
N LEU B 229 5.66 -4.31 11.75
CA LEU B 229 4.46 -4.10 12.54
C LEU B 229 4.01 -5.40 13.23
N GLU B 230 4.04 -6.51 12.48
CA GLU B 230 3.67 -7.79 13.07
C GLU B 230 4.63 -8.19 14.18
N GLU B 231 5.94 -8.01 13.96
CA GLU B 231 6.90 -8.39 14.98
C GLU B 231 6.87 -7.47 16.18
N ARG B 232 6.58 -6.18 15.96
CA ARG B 232 6.52 -5.24 17.07
C ARG B 232 5.31 -5.50 17.95
N VAL B 233 4.16 -5.79 17.33
CA VAL B 233 2.97 -6.10 18.10
C VAL B 233 3.15 -7.40 18.88
N GLU B 234 3.75 -8.41 18.25
CA GLU B 234 4.05 -9.66 18.96
C GLU B 234 5.01 -9.42 20.12
N LYS B 235 5.91 -8.44 19.99
CA LYS B 235 6.85 -8.13 21.07
C LYS B 235 6.14 -7.50 22.26
N LEU B 236 5.28 -6.52 22.00
CA LEU B 236 4.67 -5.72 23.05
C LEU B 236 3.53 -6.47 23.73
N ALA B 237 3.23 -6.04 24.96
CA ALA B 237 2.04 -6.47 25.70
C ALA B 237 1.91 -7.98 25.82
#